data_6QEJ
#
_entry.id   6QEJ
#
_cell.length_a   90.565
_cell.length_b   99.929
_cell.length_c   100.941
_cell.angle_alpha   90.00
_cell.angle_beta   90.00
_cell.angle_gamma   90.00
#
_symmetry.space_group_name_H-M   'C 2 2 21'
#
loop_
_entity.id
_entity.type
_entity.pdbx_description
1 polymer 'Methionine aminopeptidase 2'
2 non-polymer 1,2-ETHANEDIOL
3 non-polymer ~{N}-[(4-fluorophenyl)methyl]-~{N}-(1~{H}-1,2,4-triazol-5-ylmethyl)thiophene-2-sulfonamide
4 non-polymer 'TERTIARY-BUTYL ALCOHOL'
5 non-polymer 'MANGANESE (II) ION'
6 water water
#
_entity_poly.entity_id   1
_entity_poly.type   'polypeptide(L)'
_entity_poly.pdbx_seq_one_letter_code
;MGPKVQTDPPSVPICDLYPNGVFPKGQECEYPPTQDGRTAAWRTTSEEKKALDQASEEIWNDFREAAEAHRQVRKYVMSW
IKPGMTMIEICEKLEDCSRKLIKENGLNAGLAFPTGCSLNNCAAHYTPNAGDTTVLQYDDICKIDFGTHISGRIIDCAFT
VTFNPKYDTLLKAVKDATNTGIKCAGIDVRLCDVGEAIQEVMESYEVEIDGKTYQVKPIRNLNGHSIGQYRIHAGKTVPI
VKGGEATRMEEGEVYAIETFGSTGKGVVHDDMECSHYMKNFDVGHVPIRLPRTKHLLNVINENFGTLAFCRRWLDRLGES
KYLMALKNLCDLGIVDPYPPLCDIKGSYTAQFEHTILLRPTCKEVVSRGDDYHHHHHH
;
_entity_poly.pdbx_strand_id   A
#
loop_
_chem_comp.id
_chem_comp.type
_chem_comp.name
_chem_comp.formula
EDO non-polymer 1,2-ETHANEDIOL 'C2 H6 O2'
HZT non-polymer ~{N}-[(4-fluorophenyl)methyl]-~{N}-(1~{H}-1,2,4-triazol-5-ylmethyl)thiophene-2-sulfonamide 'C14 H13 F N4 O2 S2'
MN non-polymer 'MANGANESE (II) ION' 'Mn 2'
TBU non-polymer 'TERTIARY-BUTYL ALCOHOL' 'C4 H10 O'
#
# COMPACT_ATOMS: atom_id res chain seq x y z
N LYS A 4 25.49 1.17 -12.06
CA LYS A 4 25.35 2.35 -12.92
C LYS A 4 24.08 2.24 -13.81
N VAL A 5 23.90 1.08 -14.49
CA VAL A 5 22.73 0.80 -15.34
C VAL A 5 21.98 -0.42 -14.74
N GLN A 6 20.63 -0.40 -14.76
CA GLN A 6 19.83 -1.50 -14.18
C GLN A 6 19.91 -2.79 -15.00
N THR A 7 20.09 -3.91 -14.30
CA THR A 7 20.15 -5.25 -14.87
C THR A 7 18.74 -5.83 -15.11
N ASP A 8 18.70 -6.99 -15.81
CA ASP A 8 17.47 -7.75 -16.09
C ASP A 8 17.78 -9.21 -15.72
N PRO A 9 17.28 -9.77 -14.59
CA PRO A 9 16.36 -9.20 -13.59
C PRO A 9 16.97 -8.04 -12.77
N PRO A 10 16.14 -7.10 -12.25
CA PRO A 10 16.70 -5.97 -11.47
C PRO A 10 17.47 -6.41 -10.24
N SER A 11 18.68 -5.86 -10.06
CA SER A 11 19.48 -6.20 -8.89
C SER A 11 20.28 -5.00 -8.34
N VAL A 12 20.38 -3.93 -9.14
CA VAL A 12 21.17 -2.73 -8.77
C VAL A 12 20.31 -1.81 -7.90
N PRO A 13 20.80 -1.40 -6.70
CA PRO A 13 19.99 -0.48 -5.88
C PRO A 13 19.75 0.83 -6.62
N ILE A 14 18.58 1.39 -6.39
CA ILE A 14 18.17 2.65 -7.00
C ILE A 14 19.19 3.73 -6.67
N CYS A 15 19.75 3.74 -5.43
CA CYS A 15 20.75 4.76 -5.07
C CYS A 15 22.00 4.73 -5.98
N ASP A 16 22.36 3.55 -6.49
CA ASP A 16 23.52 3.43 -7.38
C ASP A 16 23.19 3.81 -8.84
N LEU A 17 21.89 3.95 -9.19
CA LEU A 17 21.47 4.34 -10.53
C LEU A 17 21.44 5.85 -10.73
N TYR A 18 21.59 6.61 -9.62
CA TYR A 18 21.59 8.07 -9.61
C TYR A 18 22.92 8.58 -9.02
N PRO A 19 23.61 9.52 -9.71
CA PRO A 19 24.95 9.91 -9.25
C PRO A 19 25.05 10.74 -7.99
N ASN A 20 24.10 11.66 -7.75
CA ASN A 20 24.22 12.55 -6.60
C ASN A 20 23.00 12.57 -5.71
N GLY A 21 22.33 11.43 -5.62
CA GLY A 21 21.21 11.32 -4.73
C GLY A 21 20.00 12.15 -5.14
N VAL A 22 19.82 12.43 -6.42
CA VAL A 22 18.65 13.16 -6.89
C VAL A 22 17.81 12.17 -7.68
N PHE A 23 16.63 11.83 -7.16
CA PHE A 23 15.78 10.81 -7.74
C PHE A 23 14.64 11.38 -8.59
N PRO A 24 14.12 10.60 -9.56
CA PRO A 24 13.06 11.13 -10.44
C PRO A 24 11.80 11.56 -9.71
N LYS A 25 11.26 12.71 -10.12
CA LYS A 25 9.99 13.16 -9.57
C LYS A 25 8.88 12.30 -10.13
N GLY A 26 7.78 12.22 -9.39
CA GLY A 26 6.59 11.56 -9.89
C GLY A 26 5.83 12.57 -10.73
N GLN A 27 4.53 12.32 -10.95
CA GLN A 27 3.68 13.20 -11.75
C GLN A 27 3.35 14.47 -10.97
N GLU A 28 3.72 15.65 -11.48
CA GLU A 28 3.41 16.90 -10.79
C GLU A 28 2.12 17.48 -11.34
N CYS A 29 1.19 17.86 -10.43
CA CYS A 29 -0.14 18.40 -10.80
C CYS A 29 -0.40 19.71 -10.13
N GLU A 30 -1.11 20.59 -10.85
CA GLU A 30 -1.59 21.83 -10.27
C GLU A 30 -2.76 21.41 -9.36
N TYR A 31 -2.89 22.07 -8.20
CA TYR A 31 -3.99 21.82 -7.26
C TYR A 31 -5.38 22.18 -7.87
N PRO A 32 -6.47 21.43 -7.53
CA PRO A 32 -7.79 21.75 -8.10
C PRO A 32 -8.37 23.11 -7.70
N PRO A 33 -9.29 23.69 -8.51
CA PRO A 33 -9.84 25.02 -8.16
C PRO A 33 -10.84 24.99 -7.01
N TRP A 42 -1.53 29.95 -8.14
CA TRP A 42 -0.81 30.85 -7.25
C TRP A 42 0.35 30.17 -6.47
N ARG A 43 0.50 28.84 -6.64
CA ARG A 43 1.53 28.05 -5.95
C ARG A 43 2.74 27.68 -6.82
N THR A 44 2.52 27.42 -8.13
CA THR A 44 3.55 27.00 -9.10
C THR A 44 4.73 27.98 -9.18
N SER A 46 4.83 31.11 -6.17
CA SER A 46 4.96 31.78 -4.88
C SER A 46 6.34 31.54 -4.29
N GLU A 47 7.08 32.61 -4.02
CA GLU A 47 8.42 32.50 -3.46
C GLU A 47 8.41 31.86 -2.08
N GLU A 48 7.40 32.20 -1.29
CA GLU A 48 7.24 31.65 0.04
C GLU A 48 7.01 30.14 -0.06
N LYS A 49 6.21 29.71 -1.03
CA LYS A 49 5.92 28.30 -1.24
C LYS A 49 7.10 27.54 -1.86
N LYS A 50 7.73 28.14 -2.85
CA LYS A 50 8.90 27.54 -3.53
C LYS A 50 10.04 27.27 -2.53
N ALA A 51 10.30 28.25 -1.62
CA ALA A 51 11.32 28.11 -0.57
C ALA A 51 10.89 27.02 0.44
N LEU A 52 9.60 27.03 0.84
CA LEU A 52 9.03 26.06 1.78
C LEU A 52 9.11 24.65 1.21
N ASP A 53 8.90 24.51 -0.12
CA ASP A 53 8.99 23.23 -0.83
C ASP A 53 10.44 22.74 -0.85
N GLN A 54 11.38 23.66 -1.18
CA GLN A 54 12.82 23.40 -1.25
C GLN A 54 13.37 22.96 0.09
N ALA A 55 12.80 23.50 1.20
CA ALA A 55 13.22 23.21 2.56
C ALA A 55 12.99 21.74 2.91
N SER A 56 12.07 21.07 2.19
CA SER A 56 11.81 19.65 2.41
C SER A 56 12.34 18.78 1.26
N GLU A 57 13.25 19.31 0.39
CA GLU A 57 13.77 18.56 -0.77
C GLU A 57 14.39 17.19 -0.43
N GLU A 58 15.12 17.11 0.68
CA GLU A 58 15.74 15.84 1.11
C GLU A 58 14.66 14.79 1.39
N ILE A 59 13.53 15.23 1.98
CA ILE A 59 12.38 14.36 2.30
C ILE A 59 11.72 13.87 1.00
N TRP A 60 11.40 14.81 0.08
CA TRP A 60 10.75 14.43 -1.19
C TRP A 60 11.61 13.48 -1.95
N ASN A 61 12.92 13.73 -1.94
CA ASN A 61 13.91 12.90 -2.57
C ASN A 61 13.92 11.46 -1.99
N ASP A 62 13.74 11.32 -0.65
CA ASP A 62 13.64 9.99 -0.03
C ASP A 62 12.40 9.26 -0.54
N PHE A 63 11.25 9.98 -0.68
CA PHE A 63 10.04 9.35 -1.23
C PHE A 63 10.27 8.93 -2.65
N ARG A 64 10.99 9.77 -3.45
CA ARG A 64 11.24 9.47 -4.86
C ARG A 64 12.12 8.27 -5.06
N GLU A 65 13.15 8.11 -4.20
CA GLU A 65 14.01 6.92 -4.27
C GLU A 65 13.16 5.66 -3.99
N ALA A 66 12.32 5.73 -2.96
CA ALA A 66 11.46 4.58 -2.62
C ALA A 66 10.46 4.31 -3.76
N ALA A 67 9.95 5.38 -4.38
CA ALA A 67 8.97 5.27 -5.48
C ALA A 67 9.59 4.61 -6.71
N GLU A 68 10.86 4.98 -7.01
CA GLU A 68 11.56 4.39 -8.15
C GLU A 68 11.78 2.89 -7.89
N ALA A 69 12.12 2.50 -6.66
CA ALA A 69 12.25 1.08 -6.30
C ALA A 69 10.89 0.40 -6.53
N HIS A 70 9.80 1.04 -6.09
CA HIS A 70 8.46 0.48 -6.25
C HIS A 70 8.12 0.27 -7.75
N ARG A 71 8.42 1.26 -8.58
CA ARG A 71 8.14 1.14 -10.00
C ARG A 71 8.92 0.00 -10.62
N GLN A 72 10.22 -0.11 -10.29
CA GLN A 72 11.05 -1.16 -10.91
C GLN A 72 10.68 -2.56 -10.41
N VAL A 73 10.33 -2.69 -9.13
CA VAL A 73 9.91 -3.98 -8.58
C VAL A 73 8.60 -4.39 -9.25
N ARG A 74 7.58 -3.48 -9.31
CA ARG A 74 6.29 -3.91 -9.87
C ARG A 74 6.34 -4.27 -11.36
N LYS A 75 7.21 -3.58 -12.14
CA LYS A 75 7.34 -3.89 -13.57
C LYS A 75 7.92 -5.30 -13.72
N TYR A 76 8.92 -5.64 -12.89
CA TYR A 76 9.54 -6.96 -12.87
C TYR A 76 8.48 -7.99 -12.47
N VAL A 77 7.68 -7.71 -11.42
CA VAL A 77 6.62 -8.64 -10.99
C VAL A 77 5.66 -8.94 -12.12
N MET A 78 5.21 -7.89 -12.83
N MET A 78 5.28 -7.89 -12.87
CA MET A 78 4.25 -8.05 -13.94
CA MET A 78 4.36 -8.04 -13.99
C MET A 78 4.82 -8.93 -15.08
C MET A 78 4.86 -8.95 -15.08
N SER A 79 6.17 -8.99 -15.26
CA SER A 79 6.81 -9.80 -16.28
C SER A 79 6.72 -11.29 -15.99
N TRP A 80 6.60 -11.70 -14.71
CA TRP A 80 6.64 -13.13 -14.40
C TRP A 80 5.47 -13.66 -13.60
N ILE A 81 4.65 -12.81 -13.01
CA ILE A 81 3.54 -13.35 -12.18
C ILE A 81 2.59 -14.16 -13.05
N LYS A 82 2.38 -15.44 -12.67
CA LYS A 82 1.58 -16.33 -13.51
C LYS A 82 0.80 -17.32 -12.66
N PRO A 83 -0.37 -17.78 -13.13
CA PRO A 83 -1.06 -18.86 -12.42
C PRO A 83 -0.12 -20.08 -12.35
N GLY A 84 -0.22 -20.88 -11.29
CA GLY A 84 0.67 -22.02 -11.11
C GLY A 84 1.70 -21.72 -10.04
N MET A 85 2.09 -20.44 -9.87
CA MET A 85 3.03 -20.09 -8.81
C MET A 85 2.29 -20.13 -7.49
N THR A 86 2.96 -20.50 -6.40
CA THR A 86 2.31 -20.40 -5.09
C THR A 86 2.38 -18.92 -4.65
N MET A 87 1.48 -18.55 -3.73
CA MET A 87 1.49 -17.18 -3.21
C MET A 87 2.81 -16.91 -2.48
N ILE A 88 3.35 -17.94 -1.80
CA ILE A 88 4.67 -17.79 -1.14
C ILE A 88 5.76 -17.49 -2.20
N GLU A 89 5.79 -18.28 -3.28
CA GLU A 89 6.78 -18.09 -4.35
C GLU A 89 6.70 -16.65 -4.89
N ILE A 90 5.46 -16.14 -5.11
CA ILE A 90 5.28 -14.78 -5.63
C ILE A 90 5.85 -13.75 -4.66
N CYS A 91 5.40 -13.82 -3.40
CA CYS A 91 5.86 -12.86 -2.38
C CYS A 91 7.34 -12.88 -2.14
N GLU A 92 7.95 -14.06 -2.12
CA GLU A 92 9.38 -14.15 -1.88
C GLU A 92 10.16 -13.56 -3.03
N LYS A 93 9.73 -13.84 -4.27
N LYS A 93 9.73 -13.84 -4.29
CA LYS A 93 10.38 -13.32 -5.46
CA LYS A 93 10.38 -13.32 -5.49
C LYS A 93 10.30 -11.79 -5.50
C LYS A 93 10.27 -11.80 -5.58
N LEU A 94 9.11 -11.23 -5.21
CA LEU A 94 8.88 -9.78 -5.19
C LEU A 94 9.75 -9.16 -4.08
N GLU A 95 9.64 -9.68 -2.85
CA GLU A 95 10.40 -9.14 -1.69
C GLU A 95 11.92 -9.23 -1.85
N ASP A 96 12.43 -10.32 -2.43
CA ASP A 96 13.88 -10.43 -2.69
C ASP A 96 14.32 -9.25 -3.57
N CYS A 97 13.52 -8.94 -4.62
CA CYS A 97 13.85 -7.85 -5.53
C CYS A 97 13.76 -6.49 -4.81
N SER A 98 12.69 -6.29 -4.05
CA SER A 98 12.45 -5.07 -3.33
C SER A 98 13.59 -4.76 -2.36
N ARG A 99 14.07 -5.78 -1.61
N ARG A 99 14.07 -5.78 -1.61
CA ARG A 99 15.19 -5.60 -0.67
CA ARG A 99 15.19 -5.62 -0.66
C ARG A 99 16.45 -5.14 -1.42
C ARG A 99 16.45 -5.17 -1.40
N LYS A 100 16.72 -5.76 -2.59
CA LYS A 100 17.90 -5.39 -3.38
C LYS A 100 17.82 -3.94 -3.92
N LEU A 101 16.66 -3.55 -4.48
CA LEU A 101 16.54 -2.23 -5.09
C LEU A 101 16.49 -1.11 -4.09
N ILE A 102 15.88 -1.36 -2.91
CA ILE A 102 15.83 -0.31 -1.89
C ILE A 102 17.15 -0.25 -1.11
N LYS A 103 18.03 -1.27 -1.32
CA LYS A 103 19.30 -1.45 -0.58
C LYS A 103 18.96 -1.50 0.91
N GLU A 104 18.24 -2.55 1.29
CA GLU A 104 17.77 -2.73 2.64
C GLU A 104 18.89 -2.46 3.65
N ASN A 105 18.59 -1.60 4.65
CA ASN A 105 19.59 -1.20 5.64
C ASN A 105 18.87 -0.89 6.94
N GLY A 106 18.50 -1.95 7.66
CA GLY A 106 17.79 -1.83 8.93
C GLY A 106 16.56 -0.96 8.78
N LEU A 107 16.45 0.06 9.63
CA LEU A 107 15.32 1.00 9.61
C LEU A 107 15.59 2.19 8.70
N ASN A 108 16.80 2.28 8.10
CA ASN A 108 17.16 3.38 7.20
C ASN A 108 16.63 3.24 5.78
N ALA A 109 16.37 2.00 5.33
CA ALA A 109 15.88 1.71 3.98
C ALA A 109 15.34 0.31 4.02
N GLY A 110 14.21 0.07 3.39
CA GLY A 110 13.69 -1.29 3.48
C GLY A 110 12.27 -1.45 3.00
N LEU A 111 11.63 -2.54 3.46
CA LEU A 111 10.24 -2.86 3.09
C LEU A 111 9.33 -2.22 4.08
N ALA A 112 8.37 -1.42 3.61
CA ALA A 112 7.54 -0.64 4.54
C ALA A 112 6.46 -1.50 5.17
N PHE A 113 5.97 -2.51 4.45
CA PHE A 113 4.93 -3.37 5.01
C PHE A 113 4.86 -4.63 4.13
N PRO A 114 4.23 -5.74 4.62
CA PRO A 114 4.22 -6.98 3.85
C PRO A 114 3.55 -6.92 2.49
N THR A 115 3.89 -7.86 1.64
CA THR A 115 3.34 -7.87 0.31
C THR A 115 1.95 -8.46 0.30
N GLY A 116 0.96 -7.60 0.07
CA GLY A 116 -0.39 -8.06 -0.03
C GLY A 116 -0.57 -8.70 -1.38
N CYS A 117 -1.22 -9.85 -1.41
CA CYS A 117 -1.52 -10.54 -2.65
C CYS A 117 -2.92 -11.14 -2.52
N SER A 118 -3.82 -10.36 -1.92
CA SER A 118 -5.18 -10.78 -1.63
C SER A 118 -5.93 -11.23 -2.87
N LEU A 119 -6.62 -12.35 -2.75
CA LEU A 119 -7.31 -12.97 -3.86
C LEU A 119 -8.82 -12.96 -3.83
N ASN A 120 -9.41 -12.66 -4.99
CA ASN A 120 -10.86 -12.75 -5.15
C ASN A 120 -11.70 -11.87 -4.23
N ASN A 121 -12.49 -12.48 -3.36
CA ASN A 121 -13.32 -11.69 -2.47
C ASN A 121 -12.50 -11.18 -1.31
N CYS A 122 -11.26 -11.56 -1.15
N CYS A 122 -11.25 -11.50 -1.19
CA CYS A 122 -10.36 -10.95 -0.20
CA CYS A 122 -10.37 -10.90 -0.21
C CYS A 122 -9.81 -9.70 -0.85
C CYS A 122 -9.74 -9.71 -0.81
N ALA A 123 -10.06 -8.46 -0.09
CA ALA A 123 -9.61 -7.25 -0.77
C ALA A 123 -8.22 -6.79 -0.35
N ALA A 124 -7.87 -7.07 0.90
CA ALA A 124 -6.62 -6.60 1.44
C ALA A 124 -6.12 -7.37 2.65
N HIS A 125 -4.85 -7.15 2.94
CA HIS A 125 -4.15 -7.70 4.09
C HIS A 125 -3.92 -9.20 4.13
N TYR A 126 -3.92 -9.82 2.96
CA TYR A 126 -3.59 -11.22 2.91
C TYR A 126 -2.21 -11.37 2.30
N THR A 127 -1.34 -12.01 3.06
CA THR A 127 -0.03 -12.46 2.61
C THR A 127 0.11 -13.88 3.21
N PRO A 128 0.70 -14.81 2.48
CA PRO A 128 0.76 -16.16 3.06
C PRO A 128 1.67 -16.21 4.27
N ASN A 129 1.29 -17.08 5.21
CA ASN A 129 2.18 -17.42 6.32
C ASN A 129 2.87 -18.71 5.91
N ALA A 130 3.92 -19.12 6.65
CA ALA A 130 4.57 -20.41 6.37
C ALA A 130 3.57 -21.55 6.22
N GLY A 131 3.81 -22.41 5.24
CA GLY A 131 2.96 -23.57 5.06
C GLY A 131 1.74 -23.36 4.19
N ASP A 132 1.47 -22.11 3.77
CA ASP A 132 0.30 -21.85 2.92
C ASP A 132 0.56 -22.44 1.53
N THR A 133 -0.32 -23.35 1.11
CA THR A 133 -0.14 -24.07 -0.16
C THR A 133 -0.91 -23.41 -1.28
N THR A 134 -1.52 -22.22 -1.04
CA THR A 134 -2.33 -21.54 -2.05
C THR A 134 -1.54 -21.33 -3.33
N VAL A 135 -2.17 -21.71 -4.45
CA VAL A 135 -1.61 -21.54 -5.80
C VAL A 135 -2.47 -20.53 -6.56
N LEU A 136 -1.79 -19.57 -7.23
CA LEU A 136 -2.50 -18.58 -8.02
C LEU A 136 -3.15 -19.26 -9.21
N GLN A 137 -4.43 -18.95 -9.46
CA GLN A 137 -5.22 -19.57 -10.53
C GLN A 137 -5.51 -18.58 -11.66
N TYR A 138 -5.84 -19.15 -12.84
CA TYR A 138 -6.14 -18.37 -14.03
C TYR A 138 -7.28 -17.37 -13.77
N ASP A 139 -8.33 -17.80 -13.05
CA ASP A 139 -9.46 -16.89 -12.80
C ASP A 139 -9.30 -16.02 -11.56
N ASP A 140 -8.12 -16.04 -10.92
CA ASP A 140 -7.99 -15.22 -9.73
C ASP A 140 -7.86 -13.74 -10.03
N ILE A 141 -8.29 -12.91 -9.08
CA ILE A 141 -8.11 -11.45 -9.18
C ILE A 141 -7.30 -11.10 -7.94
N CYS A 142 -6.02 -10.75 -8.16
CA CYS A 142 -5.00 -10.62 -7.11
C CYS A 142 -4.54 -9.19 -6.90
N LYS A 143 -4.69 -8.66 -5.70
CA LYS A 143 -4.26 -7.29 -5.41
C LYS A 143 -2.84 -7.30 -4.88
N ILE A 144 -1.89 -6.80 -5.68
CA ILE A 144 -0.48 -6.76 -5.23
C ILE A 144 -0.31 -5.38 -4.62
N ASP A 145 -0.10 -5.35 -3.31
CA ASP A 145 -0.01 -4.09 -2.55
C ASP A 145 1.23 -4.18 -1.67
N PHE A 146 2.25 -3.40 -2.01
CA PHE A 146 3.49 -3.53 -1.22
C PHE A 146 4.10 -2.17 -1.03
N GLY A 147 4.96 -2.03 -0.03
CA GLY A 147 5.55 -0.74 0.25
C GLY A 147 7.05 -0.78 0.43
N THR A 148 7.67 0.34 0.07
CA THR A 148 9.11 0.53 0.21
C THR A 148 9.29 1.84 1.03
N HIS A 149 10.44 2.01 1.66
CA HIS A 149 10.70 3.30 2.31
C HIS A 149 12.18 3.59 2.35
N ILE A 150 12.50 4.88 2.37
CA ILE A 150 13.84 5.39 2.65
C ILE A 150 13.65 6.31 3.84
N SER A 151 14.39 6.06 4.95
CA SER A 151 14.32 6.88 6.16
C SER A 151 12.89 7.03 6.69
N GLY A 152 12.08 5.99 6.52
CA GLY A 152 10.69 6.01 6.98
C GLY A 152 9.74 6.81 6.13
N ARG A 153 10.20 7.28 4.95
CA ARG A 153 9.36 7.99 3.97
C ARG A 153 8.79 6.88 3.11
N ILE A 154 7.51 6.56 3.35
CA ILE A 154 6.86 5.37 2.80
C ILE A 154 6.15 5.58 1.48
N ILE A 155 6.35 4.63 0.55
CA ILE A 155 5.57 4.53 -0.68
C ILE A 155 4.62 3.36 -0.49
N ASP A 156 3.29 3.65 -0.59
CA ASP A 156 2.21 2.69 -0.47
C ASP A 156 1.51 2.76 -1.82
N CYS A 157 1.64 1.69 -2.60
CA CYS A 157 1.19 1.71 -3.98
C CYS A 157 0.81 0.27 -4.37
N ALA A 158 -0.31 0.14 -5.10
CA ALA A 158 -0.88 -1.19 -5.34
C ALA A 158 -1.60 -1.22 -6.68
N PHE A 159 -1.73 -2.44 -7.22
CA PHE A 159 -2.40 -2.69 -8.49
C PHE A 159 -3.04 -4.06 -8.44
N THR A 160 -3.90 -4.34 -9.44
CA THR A 160 -4.59 -5.63 -9.48
C THR A 160 -4.13 -6.44 -10.67
N VAL A 161 -3.77 -7.71 -10.40
CA VAL A 161 -3.27 -8.68 -11.37
C VAL A 161 -4.42 -9.60 -11.73
N THR A 162 -4.65 -9.81 -13.03
CA THR A 162 -5.62 -10.79 -13.51
C THR A 162 -5.04 -11.46 -14.77
N PHE A 163 -5.66 -12.58 -15.16
CA PHE A 163 -5.25 -13.32 -16.36
C PHE A 163 -6.43 -13.49 -17.31
N ASN A 164 -7.64 -13.46 -16.76
CA ASN A 164 -8.85 -13.63 -17.53
C ASN A 164 -9.38 -12.24 -17.86
N PRO A 165 -9.59 -11.94 -19.15
CA PRO A 165 -10.09 -10.60 -19.52
C PRO A 165 -11.48 -10.25 -19.01
N LYS A 166 -12.20 -11.21 -18.41
CA LYS A 166 -13.54 -10.94 -17.88
C LYS A 166 -13.51 -9.84 -16.79
N TYR A 167 -12.34 -9.59 -16.12
CA TYR A 167 -12.28 -8.57 -15.08
C TYR A 167 -11.80 -7.22 -15.62
N ASP A 168 -11.52 -7.12 -16.94
CA ASP A 168 -10.96 -5.86 -17.47
C ASP A 168 -11.77 -4.61 -17.13
N THR A 169 -13.12 -4.69 -17.28
CA THR A 169 -13.92 -3.49 -17.03
C THR A 169 -13.97 -3.16 -15.53
N LEU A 170 -13.95 -4.19 -14.66
CA LEU A 170 -13.92 -3.94 -13.21
C LEU A 170 -12.58 -3.23 -12.86
N LEU A 171 -11.46 -3.70 -13.39
CA LEU A 171 -10.17 -3.03 -13.13
C LEU A 171 -10.16 -1.58 -13.64
N LYS A 172 -10.72 -1.35 -14.84
CA LYS A 172 -10.82 -0.03 -15.44
C LYS A 172 -11.61 0.89 -14.52
N ALA A 173 -12.74 0.38 -13.97
CA ALA A 173 -13.60 1.17 -13.07
C ALA A 173 -12.81 1.61 -11.86
N VAL A 174 -12.09 0.65 -11.22
CA VAL A 174 -11.37 0.98 -9.97
C VAL A 174 -10.19 1.92 -10.25
N LYS A 175 -9.48 1.67 -11.35
CA LYS A 175 -8.36 2.56 -11.72
C LYS A 175 -8.86 3.98 -11.93
N ASP A 176 -10.00 4.16 -12.62
CA ASP A 176 -10.56 5.48 -12.85
C ASP A 176 -10.96 6.12 -11.52
N ALA A 177 -11.61 5.34 -10.62
CA ALA A 177 -11.99 5.88 -9.31
C ALA A 177 -10.76 6.33 -8.49
N THR A 178 -9.67 5.55 -8.53
CA THR A 178 -8.45 5.95 -7.82
C THR A 178 -7.90 7.25 -8.42
N ASN A 179 -7.82 7.31 -9.74
CA ASN A 179 -7.34 8.52 -10.44
C ASN A 179 -8.23 9.72 -10.16
N THR A 180 -9.54 9.48 -10.01
CA THR A 180 -10.49 10.54 -9.67
C THR A 180 -10.18 11.06 -8.25
N GLY A 181 -9.91 10.14 -7.33
CA GLY A 181 -9.54 10.50 -5.95
C GLY A 181 -8.27 11.33 -5.93
N ILE A 182 -7.29 10.90 -6.72
CA ILE A 182 -6.00 11.60 -6.83
C ILE A 182 -6.20 13.01 -7.37
N LYS A 183 -7.01 13.16 -8.44
N LYS A 183 -7.08 13.14 -8.39
CA LYS A 183 -7.28 14.46 -9.06
CA LYS A 183 -7.41 14.43 -9.01
C LYS A 183 -7.99 15.44 -8.14
C LYS A 183 -8.11 15.35 -8.02
N CYS A 184 -8.92 14.91 -7.31
N CYS A 184 -9.07 14.80 -7.24
CA CYS A 184 -9.73 15.70 -6.37
CA CYS A 184 -9.85 15.56 -6.27
C CYS A 184 -8.97 16.13 -5.14
C CYS A 184 -9.05 16.06 -5.08
N ALA A 185 -8.01 15.32 -4.70
CA ALA A 185 -7.16 15.63 -3.53
C ALA A 185 -6.44 16.98 -3.69
N GLY A 186 -6.28 17.68 -2.59
CA GLY A 186 -5.56 18.95 -2.63
C GLY A 186 -5.51 19.62 -1.28
N ILE A 187 -4.71 20.68 -1.18
CA ILE A 187 -4.66 21.45 0.05
C ILE A 187 -6.03 22.12 0.23
N ASP A 188 -6.58 22.05 1.47
CA ASP A 188 -7.85 22.62 1.91
C ASP A 188 -9.08 21.87 1.32
N VAL A 189 -8.85 20.70 0.69
CA VAL A 189 -9.94 19.89 0.13
C VAL A 189 -10.56 19.07 1.27
N ARG A 190 -11.90 19.05 1.34
CA ARG A 190 -12.60 18.28 2.38
C ARG A 190 -12.48 16.78 2.05
N LEU A 191 -12.06 15.97 3.04
CA LEU A 191 -11.93 14.51 2.82
C LEU A 191 -13.22 13.87 2.34
N CYS A 192 -14.36 14.36 2.86
CA CYS A 192 -15.67 13.84 2.45
C CYS A 192 -15.93 14.08 0.96
N ASP A 193 -15.43 15.20 0.40
CA ASP A 193 -15.62 15.54 -1.03
C ASP A 193 -14.85 14.56 -1.91
N VAL A 194 -13.69 14.13 -1.45
CA VAL A 194 -12.87 13.14 -2.19
C VAL A 194 -13.65 11.83 -2.25
N GLY A 195 -14.21 11.41 -1.12
CA GLY A 195 -15.03 10.21 -1.05
C GLY A 195 -16.23 10.26 -1.98
N GLU A 196 -16.95 11.41 -1.98
N GLU A 196 -16.94 11.41 -2.00
CA GLU A 196 -18.11 11.56 -2.85
CA GLU A 196 -18.13 11.60 -2.82
C GLU A 196 -17.69 11.41 -4.32
C GLU A 196 -17.77 11.57 -4.33
N ALA A 197 -16.58 12.08 -4.71
CA ALA A 197 -16.11 12.08 -6.10
C ALA A 197 -15.70 10.69 -6.56
N ILE A 198 -15.01 9.93 -5.68
CA ILE A 198 -14.58 8.56 -5.97
C ILE A 198 -15.80 7.71 -6.19
N GLN A 199 -16.78 7.79 -5.26
CA GLN A 199 -17.97 6.96 -5.38
C GLN A 199 -18.76 7.25 -6.66
N GLU A 200 -18.92 8.52 -7.05
N GLU A 200 -18.90 8.53 -7.04
CA GLU A 200 -19.66 8.87 -8.27
CA GLU A 200 -19.63 8.92 -8.26
C GLU A 200 -19.02 8.18 -9.47
C GLU A 200 -19.02 8.27 -9.50
N VAL A 201 -17.68 8.25 -9.58
CA VAL A 201 -16.98 7.64 -10.72
C VAL A 201 -17.09 6.12 -10.63
N MET A 202 -16.82 5.54 -9.45
CA MET A 202 -16.87 4.08 -9.41
C MET A 202 -18.23 3.50 -9.73
N GLU A 203 -19.30 4.14 -9.26
CA GLU A 203 -20.66 3.69 -9.50
C GLU A 203 -21.14 3.97 -10.92
N SER A 204 -20.39 4.79 -11.71
CA SER A 204 -20.78 5.10 -13.08
C SER A 204 -20.52 3.91 -14.01
N TYR A 205 -19.80 2.90 -13.47
CA TYR A 205 -19.43 1.70 -14.20
C TYR A 205 -20.32 0.52 -13.97
N GLU A 206 -20.78 -0.09 -15.06
N GLU A 206 -20.81 -0.09 -15.06
CA GLU A 206 -21.48 -1.36 -14.97
CA GLU A 206 -21.55 -1.34 -14.99
C GLU A 206 -20.56 -2.36 -15.64
C GLU A 206 -20.67 -2.37 -15.69
N VAL A 207 -20.51 -3.57 -15.09
CA VAL A 207 -19.64 -4.61 -15.66
C VAL A 207 -20.40 -5.90 -15.78
N GLU A 208 -19.97 -6.75 -16.71
CA GLU A 208 -20.58 -8.05 -16.88
C GLU A 208 -19.48 -9.08 -16.67
N ILE A 209 -19.71 -10.03 -15.77
CA ILE A 209 -18.74 -11.09 -15.48
C ILE A 209 -19.53 -12.39 -15.40
N ASP A 210 -19.19 -13.34 -16.25
CA ASP A 210 -19.83 -14.66 -16.33
C ASP A 210 -21.35 -14.58 -16.40
N GLY A 211 -21.80 -13.76 -17.34
CA GLY A 211 -23.22 -13.58 -17.64
C GLY A 211 -24.07 -12.87 -16.61
N LYS A 212 -23.46 -12.23 -15.59
CA LYS A 212 -24.17 -11.47 -14.57
C LYS A 212 -23.68 -10.04 -14.66
N THR A 213 -24.59 -9.08 -14.51
CA THR A 213 -24.20 -7.67 -14.55
C THR A 213 -24.15 -7.11 -13.15
N TYR A 214 -23.28 -6.14 -12.93
CA TYR A 214 -23.12 -5.49 -11.64
C TYR A 214 -22.86 -4.03 -11.85
N GLN A 215 -23.33 -3.20 -10.92
CA GLN A 215 -22.89 -1.81 -10.87
C GLN A 215 -21.74 -1.88 -9.84
N VAL A 216 -20.51 -1.47 -10.19
CA VAL A 216 -19.36 -1.59 -9.30
C VAL A 216 -19.63 -0.84 -7.99
N LYS A 217 -19.40 -1.53 -6.85
CA LYS A 217 -19.58 -0.91 -5.57
C LYS A 217 -18.26 -0.54 -4.93
N PRO A 218 -18.08 0.72 -4.45
CA PRO A 218 -16.88 1.04 -3.65
C PRO A 218 -17.00 0.24 -2.34
N ILE A 219 -15.88 -0.29 -1.80
CA ILE A 219 -15.99 -1.04 -0.52
C ILE A 219 -16.04 0.06 0.55
N ARG A 220 -17.23 0.28 1.12
CA ARG A 220 -17.50 1.43 1.99
C ARG A 220 -16.64 1.52 3.23
N ASN A 221 -16.15 0.39 3.77
CA ASN A 221 -15.37 0.42 5.00
C ASN A 221 -13.88 0.24 4.77
N LEU A 222 -13.44 0.53 3.53
CA LEU A 222 -12.03 0.59 3.15
C LEU A 222 -11.73 2.04 2.79
N ASN A 223 -10.50 2.47 3.00
CA ASN A 223 -10.20 3.89 2.88
C ASN A 223 -8.75 4.13 2.56
N GLY A 224 -8.49 5.32 2.04
CA GLY A 224 -7.15 5.86 1.87
C GLY A 224 -6.70 6.39 3.22
N HIS A 225 -5.50 6.92 3.31
CA HIS A 225 -5.00 7.35 4.62
C HIS A 225 -3.83 8.26 4.51
N SER A 226 -3.68 9.15 5.51
CA SER A 226 -2.49 10.00 5.56
C SER A 226 -1.35 9.09 5.99
N ILE A 227 -0.14 9.48 5.60
CA ILE A 227 1.11 8.77 5.88
C ILE A 227 2.05 9.69 6.67
N GLY A 228 2.68 9.14 7.71
CA GLY A 228 3.66 9.87 8.52
C GLY A 228 4.99 9.14 8.48
N GLN A 229 6.05 9.75 9.04
CA GLN A 229 7.34 9.07 9.06
C GLN A 229 7.26 7.79 9.89
N TYR A 230 7.61 6.65 9.26
CA TYR A 230 7.51 5.28 9.82
C TYR A 230 6.09 4.97 10.29
N ARG A 231 5.10 5.69 9.73
CA ARG A 231 3.71 5.56 10.16
C ARG A 231 2.79 5.44 8.96
N ILE A 232 2.47 4.22 8.60
CA ILE A 232 1.68 3.94 7.40
C ILE A 232 0.31 4.60 7.47
N HIS A 233 -0.31 4.62 8.64
CA HIS A 233 -1.61 5.28 8.80
C HIS A 233 -1.48 6.32 9.89
N ALA A 234 -1.33 7.60 9.48
CA ALA A 234 -1.00 8.72 10.39
C ALA A 234 -2.18 9.36 11.14
N GLY A 235 -3.41 8.94 10.86
CA GLY A 235 -4.55 9.46 11.59
C GLY A 235 -5.74 9.95 10.79
N LYS A 236 -5.52 10.38 9.54
CA LYS A 236 -6.62 10.88 8.68
C LYS A 236 -6.96 9.79 7.68
N THR A 237 -8.27 9.65 7.40
CA THR A 237 -8.73 8.63 6.46
C THR A 237 -9.38 9.31 5.26
N VAL A 238 -9.17 8.71 4.08
CA VAL A 238 -9.72 9.24 2.85
C VAL A 238 -10.86 8.31 2.47
N PRO A 239 -12.12 8.71 2.66
CA PRO A 239 -13.21 7.79 2.33
C PRO A 239 -13.32 7.54 0.84
N ILE A 240 -14.02 6.48 0.48
CA ILE A 240 -14.26 6.17 -0.93
C ILE A 240 -15.76 6.15 -1.23
N VAL A 241 -16.58 6.66 -0.26
CA VAL A 241 -18.02 6.82 -0.39
C VAL A 241 -18.38 8.18 0.20
N LYS A 242 -19.60 8.64 -0.10
CA LYS A 242 -20.14 9.88 0.45
C LYS A 242 -20.42 9.74 1.97
N GLY A 243 -20.65 10.86 2.63
CA GLY A 243 -21.02 10.91 4.04
C GLY A 243 -19.92 10.94 5.08
N GLY A 244 -18.67 11.16 4.64
CA GLY A 244 -17.51 11.22 5.54
C GLY A 244 -17.35 12.52 6.32
N GLU A 245 -16.11 12.77 6.79
CA GLU A 245 -15.74 13.96 7.59
C GLU A 245 -15.36 15.14 6.69
N ALA A 246 -15.74 16.39 7.07
CA ALA A 246 -15.38 17.59 6.31
C ALA A 246 -13.97 18.11 6.67
N THR A 247 -13.20 17.29 7.44
CA THR A 247 -11.80 17.54 7.82
C THR A 247 -11.04 17.76 6.50
N ARG A 248 -10.15 18.73 6.49
CA ARG A 248 -9.43 19.10 5.29
C ARG A 248 -8.05 18.50 5.20
N MET A 249 -7.59 18.29 3.95
CA MET A 249 -6.21 17.89 3.68
C MET A 249 -5.40 19.18 3.88
N GLU A 250 -4.17 19.06 4.40
CA GLU A 250 -3.30 20.20 4.71
C GLU A 250 -1.97 20.17 3.96
N GLU A 251 -1.37 21.34 3.75
CA GLU A 251 -0.06 21.47 3.10
C GLU A 251 0.98 20.65 3.85
N GLY A 252 1.81 19.95 3.08
CA GLY A 252 2.89 19.11 3.59
C GLY A 252 2.51 17.69 3.93
N GLU A 253 1.20 17.38 3.90
CA GLU A 253 0.74 16.03 4.20
C GLU A 253 1.02 15.10 3.03
N VAL A 254 1.05 13.81 3.33
CA VAL A 254 1.30 12.74 2.36
C VAL A 254 0.12 11.79 2.50
N TYR A 255 -0.48 11.37 1.38
CA TYR A 255 -1.60 10.46 1.45
C TYR A 255 -1.43 9.28 0.54
N ALA A 256 -1.99 8.15 0.98
CA ALA A 256 -2.19 6.98 0.14
C ALA A 256 -3.62 7.10 -0.34
N ILE A 257 -3.78 7.30 -1.63
CA ILE A 257 -5.11 7.34 -2.20
C ILE A 257 -5.37 5.96 -2.77
N GLU A 258 -6.24 5.19 -2.12
CA GLU A 258 -6.62 3.89 -2.61
C GLU A 258 -8.08 3.77 -2.74
N THR A 259 -8.53 3.00 -3.74
CA THR A 259 -9.94 2.68 -3.89
C THR A 259 -10.08 1.20 -4.16
N PHE A 260 -11.20 0.65 -3.75
CA PHE A 260 -11.53 -0.75 -3.95
C PHE A 260 -12.94 -0.80 -4.52
N GLY A 261 -13.12 -1.64 -5.52
CA GLY A 261 -14.42 -1.87 -6.15
C GLY A 261 -14.76 -3.33 -5.96
N SER A 262 -16.06 -3.61 -5.77
CA SER A 262 -16.48 -4.98 -5.52
C SER A 262 -17.76 -5.33 -6.26
N THR A 263 -17.90 -6.61 -6.59
CA THR A 263 -19.16 -7.14 -7.16
C THR A 263 -20.02 -7.76 -6.03
N GLY A 264 -19.56 -7.67 -4.79
CA GLY A 264 -20.28 -8.26 -3.67
C GLY A 264 -21.14 -7.26 -2.93
N LYS A 265 -21.05 -7.30 -1.59
CA LYS A 265 -21.82 -6.42 -0.71
C LYS A 265 -21.24 -5.00 -0.66
N GLY A 266 -19.95 -4.86 -1.00
CA GLY A 266 -19.28 -3.58 -0.89
C GLY A 266 -18.91 -3.25 0.54
N VAL A 267 -18.72 -4.32 1.37
CA VAL A 267 -18.32 -4.19 2.77
C VAL A 267 -17.36 -5.34 3.02
N VAL A 268 -16.29 -5.09 3.79
CA VAL A 268 -15.38 -6.17 4.18
C VAL A 268 -15.50 -6.49 5.67
N HIS A 269 -15.10 -7.71 6.00
CA HIS A 269 -15.06 -8.20 7.38
C HIS A 269 -13.76 -9.01 7.56
N ASP A 270 -13.28 -9.12 8.80
CA ASP A 270 -12.09 -9.91 9.04
C ASP A 270 -12.37 -11.36 8.70
N ASP A 271 -11.46 -11.98 7.97
CA ASP A 271 -11.58 -13.40 7.62
C ASP A 271 -10.18 -13.96 7.33
N MET A 272 -10.02 -15.26 7.57
CA MET A 272 -8.79 -16.05 7.36
C MET A 272 -7.70 -15.82 8.41
N GLU A 273 -6.62 -16.57 8.31
CA GLU A 273 -5.55 -16.46 9.28
C GLU A 273 -4.78 -15.15 9.13
N CYS A 274 -4.51 -14.51 10.26
CA CYS A 274 -3.79 -13.24 10.26
C CYS A 274 -2.31 -13.42 9.92
N SER A 275 -1.79 -12.51 9.10
CA SER A 275 -0.39 -12.53 8.71
C SER A 275 0.33 -11.21 8.99
N HIS A 276 -0.43 -10.11 8.92
CA HIS A 276 0.08 -8.75 9.10
C HIS A 276 -0.05 -8.29 10.54
N TYR A 277 1.02 -7.66 11.06
CA TYR A 277 1.04 -7.14 12.41
C TYR A 277 1.82 -5.85 12.40
N MET A 278 1.55 -4.96 13.38
CA MET A 278 2.32 -3.72 13.43
C MET A 278 2.28 -3.17 14.83
N LYS A 279 3.43 -2.71 15.33
CA LYS A 279 3.46 -2.08 16.64
C LYS A 279 2.56 -0.85 16.63
N ASN A 280 1.81 -0.63 17.71
CA ASN A 280 0.97 0.56 17.86
C ASN A 280 1.92 1.76 17.98
N PHE A 281 1.80 2.70 17.05
CA PHE A 281 2.69 3.87 16.99
C PHE A 281 2.75 4.67 18.29
N ASP A 282 1.63 4.76 19.02
CA ASP A 282 1.51 5.59 20.21
C ASP A 282 1.91 4.92 21.50
N VAL A 283 2.03 3.58 21.52
CA VAL A 283 2.36 2.87 22.74
C VAL A 283 3.80 3.21 23.13
N GLY A 284 3.97 3.52 24.39
CA GLY A 284 5.29 3.88 24.89
C GLY A 284 6.12 2.64 25.12
N HIS A 285 7.28 2.82 25.76
CA HIS A 285 8.12 1.70 26.11
C HIS A 285 7.38 0.91 27.19
N VAL A 286 7.37 -0.42 27.04
CA VAL A 286 6.69 -1.30 28.00
C VAL A 286 7.73 -2.35 28.46
N PRO A 287 8.17 -2.32 29.73
CA PRO A 287 9.11 -3.35 30.20
C PRO A 287 8.41 -4.70 30.23
N ILE A 288 9.09 -5.72 29.68
N ILE A 288 9.05 -5.74 29.68
CA ILE A 288 8.61 -7.09 29.60
CA ILE A 288 8.48 -7.11 29.67
C ILE A 288 9.62 -7.98 30.33
C ILE A 288 9.52 -8.06 30.22
N ARG A 289 9.13 -8.85 31.22
CA ARG A 289 10.01 -9.80 31.92
C ARG A 289 9.83 -11.21 31.33
N LEU A 290 8.61 -11.55 30.79
CA LEU A 290 8.35 -12.87 30.15
C LEU A 290 9.41 -13.08 29.05
N PRO A 291 10.30 -14.10 29.18
CA PRO A 291 11.48 -14.14 28.27
C PRO A 291 11.18 -14.22 26.78
N ARG A 292 10.24 -15.08 26.36
CA ARG A 292 9.96 -15.23 24.93
C ARG A 292 9.30 -13.97 24.36
N THR A 293 8.41 -13.34 25.17
CA THR A 293 7.69 -12.13 24.75
C THR A 293 8.69 -10.97 24.72
N LYS A 294 9.61 -10.92 25.69
CA LYS A 294 10.64 -9.87 25.75
C LYS A 294 11.51 -9.97 24.51
N HIS A 295 11.98 -11.18 24.21
CA HIS A 295 12.85 -11.39 23.05
C HIS A 295 12.14 -11.00 21.73
N LEU A 296 10.89 -11.45 21.55
CA LEU A 296 10.14 -11.11 20.34
C LEU A 296 9.95 -9.60 20.19
N LEU A 297 9.58 -8.92 21.30
CA LEU A 297 9.41 -7.45 21.21
C LEU A 297 10.74 -6.78 20.81
N ASN A 298 11.85 -7.29 21.37
CA ASN A 298 13.16 -6.72 21.00
C ASN A 298 13.43 -6.93 19.53
N VAL A 299 13.14 -8.12 19.02
CA VAL A 299 13.31 -8.42 17.60
C VAL A 299 12.46 -7.44 16.76
N ILE A 300 11.22 -7.23 17.16
CA ILE A 300 10.35 -6.31 16.44
C ILE A 300 10.92 -4.87 16.49
N ASN A 301 11.34 -4.42 17.68
CA ASN A 301 11.87 -3.06 17.84
C ASN A 301 13.10 -2.86 16.96
N GLU A 302 13.97 -3.88 16.90
CA GLU A 302 15.23 -3.78 16.13
C GLU A 302 15.03 -3.79 14.62
N ASN A 303 14.14 -4.66 14.15
CA ASN A 303 13.95 -4.90 12.74
C ASN A 303 12.85 -4.08 12.10
N PHE A 304 11.76 -3.83 12.82
CA PHE A 304 10.62 -3.14 12.20
C PHE A 304 10.28 -1.79 12.82
N GLY A 305 10.53 -1.61 14.12
CA GLY A 305 10.11 -0.39 14.81
C GLY A 305 8.60 -0.28 14.73
N THR A 306 8.09 0.82 14.14
CA THR A 306 6.64 1.01 13.96
C THR A 306 6.15 0.62 12.56
N LEU A 307 7.02 0.02 11.75
CA LEU A 307 6.62 -0.44 10.41
C LEU A 307 5.94 -1.80 10.52
N ALA A 308 5.00 -2.09 9.63
CA ALA A 308 4.31 -3.37 9.66
C ALA A 308 5.25 -4.52 9.26
N PHE A 309 4.95 -5.70 9.77
CA PHE A 309 5.67 -6.89 9.40
C PHE A 309 4.67 -8.06 9.26
N CYS A 310 5.17 -9.21 8.85
CA CYS A 310 4.36 -10.42 8.77
C CYS A 310 5.09 -11.59 9.40
N ARG A 311 4.36 -12.69 9.60
CA ARG A 311 4.96 -13.88 10.20
C ARG A 311 6.15 -14.40 9.39
N ARG A 312 6.04 -14.40 8.03
CA ARG A 312 7.19 -14.86 7.22
C ARG A 312 8.45 -14.06 7.54
N TRP A 313 8.29 -12.77 7.88
CA TRP A 313 9.44 -11.93 8.17
C TRP A 313 10.06 -12.21 9.51
N LEU A 314 9.29 -12.80 10.44
CA LEU A 314 9.87 -13.25 11.68
C LEU A 314 10.57 -14.59 11.43
N ASP A 315 9.94 -15.49 10.61
CA ASP A 315 10.55 -16.78 10.28
C ASP A 315 11.93 -16.59 9.66
N ARG A 316 12.07 -15.63 8.74
CA ARG A 316 13.35 -15.41 8.06
C ARG A 316 14.47 -14.91 8.98
N LEU A 317 14.11 -14.35 10.15
CA LEU A 317 15.08 -13.86 11.15
C LEU A 317 15.50 -14.97 12.09
N GLY A 318 14.99 -16.18 11.82
CA GLY A 318 15.29 -17.37 12.60
C GLY A 318 14.44 -17.52 13.84
N GLU A 319 13.31 -16.79 13.91
CA GLU A 319 12.41 -16.93 15.05
C GLU A 319 11.47 -18.11 14.81
N SER A 320 11.22 -18.94 15.83
CA SER A 320 10.27 -20.04 15.64
C SER A 320 9.47 -20.20 16.93
N LYS A 321 8.30 -20.84 16.84
CA LYS A 321 7.39 -21.08 17.97
C LYS A 321 7.19 -19.77 18.78
N TYR A 322 6.86 -18.67 18.06
CA TYR A 322 6.71 -17.32 18.64
C TYR A 322 5.25 -16.90 18.72
N LEU A 323 4.32 -17.75 18.26
CA LEU A 323 2.91 -17.37 18.19
C LEU A 323 2.32 -16.94 19.52
N MET A 324 2.69 -17.64 20.62
CA MET A 324 2.17 -17.23 21.93
C MET A 324 2.75 -15.88 22.35
N ALA A 325 4.06 -15.65 22.09
CA ALA A 325 4.70 -14.37 22.42
C ALA A 325 4.04 -13.25 21.60
N LEU A 326 3.73 -13.56 20.33
CA LEU A 326 3.08 -12.59 19.46
C LEU A 326 1.66 -12.27 19.95
N LYS A 327 0.90 -13.29 20.35
CA LYS A 327 -0.43 -13.09 20.93
C LYS A 327 -0.35 -12.22 22.20
N ASN A 328 0.68 -12.46 23.03
CA ASN A 328 0.88 -11.69 24.26
C ASN A 328 1.05 -10.21 23.94
N LEU A 329 1.89 -9.89 22.93
CA LEU A 329 2.10 -8.50 22.54
C LEU A 329 0.82 -7.88 22.00
N CYS A 330 0.00 -8.66 21.28
CA CYS A 330 -1.28 -8.15 20.77
C CYS A 330 -2.24 -7.89 21.93
N ASP A 331 -2.29 -8.82 22.89
CA ASP A 331 -3.18 -8.70 24.05
C ASP A 331 -2.81 -7.51 24.94
N LEU A 332 -1.52 -7.17 25.00
CA LEU A 332 -1.01 -6.04 25.76
C LEU A 332 -1.24 -4.70 25.03
N GLY A 333 -1.68 -4.77 23.77
CA GLY A 333 -1.91 -3.58 22.95
C GLY A 333 -0.63 -2.99 22.38
N ILE A 334 0.52 -3.71 22.54
CA ILE A 334 1.80 -3.26 22.01
C ILE A 334 1.87 -3.46 20.50
N VAL A 335 1.32 -4.58 20.01
CA VAL A 335 1.25 -4.91 18.60
C VAL A 335 -0.22 -5.05 18.25
N ASP A 336 -0.60 -4.60 17.07
CA ASP A 336 -1.96 -4.80 16.58
C ASP A 336 -1.94 -5.78 15.40
N PRO A 337 -2.88 -6.73 15.36
CA PRO A 337 -3.01 -7.61 14.19
C PRO A 337 -3.89 -6.92 13.14
N TYR A 338 -3.64 -7.25 11.88
CA TYR A 338 -4.39 -6.68 10.76
C TYR A 338 -4.78 -7.85 9.87
N PRO A 339 -5.89 -8.54 10.20
CA PRO A 339 -6.25 -9.74 9.45
C PRO A 339 -6.77 -9.43 8.04
N PRO A 340 -6.82 -10.45 7.16
CA PRO A 340 -7.36 -10.22 5.81
C PRO A 340 -8.77 -9.67 5.90
N LEU A 341 -9.11 -8.83 4.93
CA LEU A 341 -10.41 -8.15 4.84
C LEU A 341 -11.11 -8.65 3.60
N CYS A 342 -12.26 -9.32 3.79
CA CYS A 342 -12.98 -9.98 2.69
C CYS A 342 -14.38 -9.51 2.53
N ASP A 343 -14.86 -9.49 1.27
CA ASP A 343 -16.28 -9.27 1.00
C ASP A 343 -16.91 -10.68 0.96
N ILE A 344 -18.18 -10.81 0.53
CA ILE A 344 -18.91 -12.07 0.55
C ILE A 344 -18.30 -13.14 -0.37
N LYS A 345 -18.57 -14.40 -0.05
CA LYS A 345 -18.09 -15.52 -0.86
C LYS A 345 -18.62 -15.33 -2.30
N GLY A 346 -17.74 -15.54 -3.27
CA GLY A 346 -18.07 -15.42 -4.69
C GLY A 346 -17.92 -14.03 -5.28
N SER A 347 -17.65 -13.01 -4.45
CA SER A 347 -17.49 -11.66 -4.99
C SER A 347 -16.07 -11.43 -5.49
N TYR A 348 -15.92 -10.42 -6.33
CA TYR A 348 -14.62 -10.02 -6.88
C TYR A 348 -14.32 -8.64 -6.42
N THR A 349 -13.06 -8.42 -5.95
CA THR A 349 -12.62 -7.12 -5.51
C THR A 349 -11.37 -6.70 -6.26
N ALA A 350 -11.26 -5.40 -6.57
CA ALA A 350 -10.07 -4.85 -7.28
C ALA A 350 -9.61 -3.60 -6.56
N GLN A 351 -8.31 -3.27 -6.71
CA GLN A 351 -7.72 -2.13 -6.02
C GLN A 351 -6.66 -1.45 -6.86
N PHE A 352 -6.57 -0.12 -6.74
CA PHE A 352 -5.44 0.67 -7.24
C PHE A 352 -5.12 1.68 -6.16
N GLU A 353 -3.81 1.94 -5.96
CA GLU A 353 -3.38 2.83 -4.91
C GLU A 353 -2.12 3.55 -5.33
N HIS A 354 -2.03 4.83 -4.98
CA HIS A 354 -0.82 5.62 -5.14
C HIS A 354 -0.56 6.42 -3.91
N THR A 355 0.69 6.85 -3.75
CA THR A 355 1.10 7.79 -2.71
C THR A 355 1.23 9.17 -3.35
N ILE A 356 0.66 10.21 -2.71
CA ILE A 356 0.73 11.58 -3.22
C ILE A 356 1.36 12.47 -2.16
N LEU A 357 2.13 13.46 -2.61
CA LEU A 357 2.75 14.45 -1.74
C LEU A 357 2.04 15.77 -1.94
N LEU A 358 1.51 16.35 -0.87
CA LEU A 358 0.86 17.66 -0.95
C LEU A 358 1.91 18.72 -0.71
N ARG A 359 2.77 18.89 -1.70
CA ARG A 359 3.87 19.85 -1.61
C ARG A 359 3.33 21.28 -1.66
N PRO A 360 4.05 22.25 -1.07
CA PRO A 360 3.57 23.63 -1.10
C PRO A 360 3.32 24.20 -2.50
N THR A 361 4.11 23.77 -3.52
CA THR A 361 3.98 24.28 -4.89
C THR A 361 3.08 23.49 -5.80
N CYS A 362 2.97 22.16 -5.60
CA CYS A 362 2.17 21.31 -6.46
C CYS A 362 1.80 20.01 -5.71
N LYS A 363 0.94 19.21 -6.33
CA LYS A 363 0.56 17.89 -5.84
C LYS A 363 1.40 16.90 -6.65
N GLU A 364 2.18 16.04 -5.97
CA GLU A 364 3.02 15.11 -6.72
C GLU A 364 2.51 13.68 -6.54
N VAL A 365 2.14 13.00 -7.63
CA VAL A 365 1.73 11.58 -7.50
C VAL A 365 3.08 10.86 -7.62
N VAL A 366 3.78 10.76 -6.49
CA VAL A 366 5.18 10.32 -6.47
C VAL A 366 5.36 8.89 -6.97
N SER A 367 4.36 8.00 -6.74
CA SER A 367 4.45 6.60 -7.16
C SER A 367 3.89 6.34 -8.56
N ARG A 368 3.46 7.40 -9.29
CA ARG A 368 2.96 7.19 -10.65
C ARG A 368 4.03 6.53 -11.53
N GLY A 369 3.60 5.62 -12.40
CA GLY A 369 4.51 5.01 -13.37
C GLY A 369 3.92 5.07 -14.77
N ASP A 370 4.60 4.43 -15.73
CA ASP A 370 4.05 4.37 -17.09
C ASP A 370 3.00 3.25 -17.20
N ASP A 371 2.84 2.48 -16.10
CA ASP A 371 1.90 1.38 -15.97
C ASP A 371 0.54 1.84 -15.43
N TYR A 372 0.54 2.55 -14.30
CA TYR A 372 -0.68 3.11 -13.70
C TYR A 372 -0.30 4.27 -12.79
C1 EDO B . -1.11 -3.97 -14.63
O1 EDO B . -1.01 -5.05 -13.70
C2 EDO B . -0.74 -2.65 -13.96
O2 EDO B . -0.59 -1.67 -15.00
C1 HZT C . -1.97 -1.50 8.07
C2 HZT C . -1.19 -2.59 8.38
C3 HZT C . -0.27 -3.06 7.48
C8 HZT C . -2.64 0.34 6.52
C10 HZT C . -4.25 0.14 4.52
C11 HZT C . -3.25 -0.52 3.62
C14 HZT C . -1.90 -1.88 2.64
O17 HZT C . -4.97 -0.53 8.22
C21 HZT C . -6.70 3.76 7.82
C22 HZT C . -7.01 3.46 6.56
C4 HZT C . -0.09 -2.43 6.28
C5 HZT C . -0.85 -1.31 5.97
C6 HZT C . -1.80 -0.86 6.86
F7 HZT C . 0.48 -4.14 7.79
N9 HZT C . -3.98 0.09 5.96
N12 HZT C . -2.72 0.05 2.58
N13 HZT C . -1.92 -0.75 2.00
N15 HZT C . -2.76 -1.77 3.68
S16 HZT C . -5.33 -0.12 6.90
C18 HZT C . -5.97 1.50 7.09
O19 HZT C . -6.30 -0.78 6.11
S20 HZT C . -5.87 2.42 8.57
C23 HZT C . -6.60 2.21 6.16
O TBU D . -1.71 -17.04 -18.03
C TBU D . -2.09 -17.57 -19.29
C1 TBU D . -0.99 -17.28 -20.31
C2 TBU D . -2.29 -19.08 -19.20
C3 TBU D . -3.41 -16.94 -19.74
MN MN E . -2.83 2.11 1.85
MN MN F . -1.26 -0.27 0.04
#